data_2XR4
#
_entry.id   2XR4
#
_cell.length_a   100.814
_cell.length_b   100.814
_cell.length_c   47.313
_cell.angle_alpha   90.00
_cell.angle_beta   90.00
_cell.angle_gamma   120.00
#
_symmetry.space_group_name_H-M   'P 65'
#
loop_
_entity.id
_entity.type
_entity.pdbx_description
1 polymer LECTIN
2 non-polymer 'SULFATE ION'
3 water water
#
_entity_poly.entity_id   1
_entity_poly.type   'polypeptide(L)'
_entity_poly.pdbx_seq_one_letter_code
;MERDGTFNLPPHIKFGVTALTHAANDQTIDIYIDDDPKPAATFKGAGAQDQNLGTKVLDSGNGRVRVIVMANGRPSRLGS
RQVDIFKKSYFGIIGSEDGADDDYNDGIVFLNWPLG
;
_entity_poly.pdbx_strand_id   A,B
#
# COMPACT_ATOMS: atom_id res chain seq x y z
N MET A 1 -15.27 -13.08 1.80
CA MET A 1 -14.31 -12.71 0.70
C MET A 1 -12.98 -12.11 1.20
N GLU A 2 -12.91 -11.51 2.40
CA GLU A 2 -11.58 -11.34 3.04
C GLU A 2 -10.98 -12.73 3.16
N ARG A 3 -9.70 -12.89 2.79
CA ARG A 3 -8.95 -14.11 3.01
C ARG A 3 -7.87 -13.87 4.07
N ASP A 4 -6.87 -14.74 4.14
CA ASP A 4 -5.90 -14.74 5.25
C ASP A 4 -4.49 -14.37 4.83
N GLY A 5 -4.34 -13.49 3.85
CA GLY A 5 -2.99 -13.06 3.45
C GLY A 5 -2.33 -13.98 2.43
N THR A 6 -3.14 -14.83 1.79
CA THR A 6 -2.63 -15.71 0.73
C THR A 6 -3.16 -15.23 -0.62
N PHE A 7 -2.29 -15.22 -1.65
CA PHE A 7 -2.60 -14.62 -2.95
C PHE A 7 -2.12 -15.50 -4.08
N ASN A 8 -2.79 -15.41 -5.22
CA ASN A 8 -2.34 -16.06 -6.46
C ASN A 8 -1.91 -14.98 -7.43
N LEU A 9 -0.61 -14.95 -7.71
CA LEU A 9 -0.02 -13.99 -8.63
C LEU A 9 0.30 -14.71 -9.92
N PRO A 10 0.46 -13.93 -11.01
CA PRO A 10 1.00 -14.54 -12.23
C PRO A 10 2.38 -15.14 -11.93
N PRO A 11 2.68 -16.32 -12.53
CA PRO A 11 3.95 -16.97 -12.28
C PRO A 11 5.15 -16.21 -12.83
N HIS A 12 6.25 -16.28 -12.10
CA HIS A 12 7.54 -15.81 -12.55
C HIS A 12 7.59 -14.34 -12.89
N ILE A 13 6.93 -13.52 -12.06
CA ILE A 13 7.06 -12.07 -12.18
C ILE A 13 7.58 -11.45 -10.90
N LYS A 14 8.09 -10.23 -11.03
CA LYS A 14 8.51 -9.47 -9.87
C LYS A 14 7.29 -8.81 -9.26
N PHE A 15 7.32 -8.70 -7.93
CA PHE A 15 6.29 -7.97 -7.22
C PHE A 15 6.89 -7.23 -6.02
N GLY A 16 6.18 -6.21 -5.53
CA GLY A 16 6.59 -5.46 -4.35
C GLY A 16 5.77 -5.79 -3.08
N VAL A 17 6.44 -5.77 -1.95
CA VAL A 17 5.86 -5.99 -0.64
CA VAL A 17 5.82 -5.98 -0.67
C VAL A 17 6.30 -4.86 0.23
N THR A 18 5.33 -4.09 0.75
CA THR A 18 5.62 -2.96 1.62
C THR A 18 4.86 -3.15 2.92
N ALA A 19 5.53 -2.91 4.04
CA ALA A 19 4.93 -3.04 5.37
C ALA A 19 4.87 -1.69 6.08
N LEU A 20 3.74 -1.42 6.71
CA LEU A 20 3.49 -0.22 7.50
C LEU A 20 2.86 -0.67 8.83
N THR A 21 3.59 -0.49 9.92
CA THR A 21 3.14 -0.95 11.22
CA THR A 21 3.16 -0.95 11.23
C THR A 21 2.66 0.19 12.12
N HIS A 22 1.47 0.01 12.65
CA HIS A 22 0.90 1.00 13.52
C HIS A 22 1.25 0.72 14.97
N ALA A 23 1.03 -0.53 15.41
CA ALA A 23 1.25 -0.93 16.79
C ALA A 23 2.71 -1.30 16.99
N ALA A 24 3.27 -0.83 18.10
CA ALA A 24 4.68 -1.09 18.42
C ALA A 24 4.85 -2.41 19.17
N ASN A 25 4.54 -3.50 18.48
CA ASN A 25 4.62 -4.84 19.05
C ASN A 25 5.74 -5.67 18.50
N ASP A 26 6.72 -5.04 17.85
CA ASP A 26 7.90 -5.73 17.34
C ASP A 26 7.54 -6.99 16.49
N GLN A 27 6.68 -6.78 15.50
CA GLN A 27 6.16 -7.87 14.70
C GLN A 27 7.20 -8.43 13.74
N THR A 28 7.07 -9.70 13.43
CA THR A 28 7.82 -10.31 12.35
C THR A 28 6.85 -10.56 11.24
N ILE A 29 7.18 -10.07 10.04
CA ILE A 29 6.35 -10.31 8.86
C ILE A 29 7.15 -11.15 7.89
N ASP A 30 6.65 -12.37 7.61
CA ASP A 30 7.33 -13.31 6.72
C ASP A 30 6.51 -13.45 5.44
N ILE A 31 7.21 -13.50 4.31
CA ILE A 31 6.59 -13.74 3.01
C ILE A 31 7.08 -15.08 2.47
N TYR A 32 6.15 -15.96 2.12
CA TYR A 32 6.46 -17.29 1.65
C TYR A 32 5.98 -17.46 0.23
N ILE A 33 6.80 -18.14 -0.58
CA ILE A 33 6.51 -18.37 -2.01
C ILE A 33 6.33 -19.85 -2.25
N ASP A 34 5.22 -20.21 -2.89
CA ASP A 34 4.92 -21.59 -3.19
C ASP A 34 5.01 -22.44 -1.93
N ASP A 35 5.71 -23.57 -2.01
CA ASP A 35 5.71 -24.49 -0.89
C ASP A 35 7.04 -24.53 -0.16
N ASP A 36 7.88 -23.51 -0.39
CA ASP A 36 9.18 -23.42 0.29
CA ASP A 36 9.17 -23.40 0.26
C ASP A 36 8.95 -23.18 1.77
N PRO A 37 9.57 -24.00 2.65
CA PRO A 37 9.27 -23.82 4.06
C PRO A 37 9.99 -22.62 4.74
N LYS A 38 11.04 -22.09 4.11
CA LYS A 38 11.73 -20.92 4.61
C LYS A 38 11.17 -19.66 3.90
N PRO A 39 11.04 -18.56 4.65
CA PRO A 39 10.49 -17.35 4.04
C PRO A 39 11.38 -16.84 2.91
N ALA A 40 10.79 -16.34 1.83
CA ALA A 40 11.53 -15.64 0.78
C ALA A 40 11.94 -14.24 1.24
N ALA A 41 11.20 -13.70 2.23
CA ALA A 41 11.54 -12.40 2.83
C ALA A 41 10.98 -12.24 4.21
N THR A 42 11.65 -11.41 5.01
CA THR A 42 11.20 -11.13 6.36
C THR A 42 11.39 -9.65 6.67
N PHE A 43 10.35 -9.01 7.20
CA PHE A 43 10.51 -7.71 7.83
C PHE A 43 10.74 -7.93 9.33
N LYS A 44 11.83 -7.33 9.80
CA LYS A 44 12.07 -7.13 11.21
C LYS A 44 11.09 -6.11 11.74
N GLY A 45 10.96 -6.08 13.06
CA GLY A 45 9.91 -5.35 13.71
C GLY A 45 10.10 -3.86 13.61
N ALA A 46 8.97 -3.16 13.56
CA ALA A 46 8.93 -1.71 13.56
C ALA A 46 9.70 -1.20 14.75
N GLY A 47 10.39 -0.08 14.56
CA GLY A 47 11.00 0.62 15.66
C GLY A 47 10.20 1.82 16.13
N ALA A 48 9.00 2.00 15.61
CA ALA A 48 8.16 3.17 15.90
C ALA A 48 6.76 2.92 15.39
N GLN A 49 5.77 3.66 15.91
CA GLN A 49 4.39 3.57 15.46
C GLN A 49 4.14 4.33 14.15
N ASP A 50 3.32 3.73 13.29
CA ASP A 50 3.08 4.20 11.91
C ASP A 50 4.37 4.28 11.12
N GLN A 51 5.21 3.26 11.28
CA GLN A 51 6.48 3.23 10.62
C GLN A 51 6.38 2.43 9.33
N ASN A 52 6.85 3.04 8.24
CA ASN A 52 7.03 2.36 6.98
C ASN A 52 8.32 1.52 7.06
N LEU A 53 8.20 0.21 6.89
CA LEU A 53 9.35 -0.68 7.06
C LEU A 53 10.12 -0.91 5.77
N GLY A 54 9.69 -0.23 4.70
CA GLY A 54 10.31 -0.37 3.41
C GLY A 54 9.58 -1.32 2.47
N THR A 55 10.20 -1.53 1.32
CA THR A 55 9.62 -2.32 0.24
C THR A 55 10.63 -3.39 -0.13
N LYS A 56 10.16 -4.61 -0.29
CA LYS A 56 10.99 -5.68 -0.84
C LYS A 56 10.49 -6.09 -2.20
N VAL A 57 11.42 -6.43 -3.08
CA VAL A 57 11.04 -6.89 -4.39
C VAL A 57 11.33 -8.38 -4.51
N LEU A 58 10.32 -9.15 -4.89
CA LEU A 58 10.41 -10.59 -4.90
C LEU A 58 9.94 -11.19 -6.22
N ASP A 59 10.32 -12.44 -6.47
CA ASP A 59 9.76 -13.18 -7.61
C ASP A 59 8.60 -14.06 -7.13
N SER A 60 7.53 -14.12 -7.90
CA SER A 60 6.34 -14.85 -7.52
C SER A 60 6.42 -16.39 -7.66
N GLY A 61 7.52 -16.90 -8.24
CA GLY A 61 7.66 -18.34 -8.50
C GLY A 61 6.51 -18.89 -9.31
N ASN A 62 5.90 -19.96 -8.82
CA ASN A 62 4.71 -20.52 -9.47
C ASN A 62 3.43 -19.79 -9.16
N GLY A 63 3.51 -18.75 -8.35
CA GLY A 63 2.41 -17.81 -8.18
C GLY A 63 1.79 -17.70 -6.80
N ARG A 64 2.10 -18.64 -5.91
CA ARG A 64 1.46 -18.68 -4.60
C ARG A 64 2.29 -17.88 -3.59
N VAL A 65 1.68 -16.85 -3.02
CA VAL A 65 2.33 -15.94 -2.10
C VAL A 65 1.49 -15.90 -0.83
N ARG A 66 2.15 -16.09 0.31
CA ARG A 66 1.52 -16.02 1.62
C ARG A 66 2.26 -15.10 2.54
N VAL A 67 1.52 -14.20 3.17
CA VAL A 67 2.06 -13.32 4.19
C VAL A 67 1.64 -13.79 5.58
N ILE A 68 2.60 -13.91 6.49
CA ILE A 68 2.33 -14.31 7.87
C ILE A 68 2.85 -13.22 8.79
N VAL A 69 2.01 -12.74 9.70
CA VAL A 69 2.44 -11.79 10.70
C VAL A 69 2.46 -12.47 12.07
N MET A 70 3.59 -12.37 12.76
CA MET A 70 3.75 -12.87 14.11
C MET A 70 4.02 -11.68 15.06
N ALA A 71 3.39 -11.70 16.21
CA ALA A 71 3.61 -10.69 17.27
C ALA A 71 3.55 -11.42 18.61
N ASN A 72 4.50 -11.15 19.50
CA ASN A 72 4.49 -11.80 20.83
C ASN A 72 4.40 -13.33 20.76
N GLY A 73 4.99 -13.91 19.71
CA GLY A 73 5.03 -15.38 19.53
C GLY A 73 3.73 -16.05 19.12
N ARG A 74 2.73 -15.25 18.75
CA ARG A 74 1.51 -15.79 18.18
C ARG A 74 1.24 -15.16 16.84
N PRO A 75 0.58 -15.92 15.94
CA PRO A 75 0.14 -15.32 14.70
C PRO A 75 -0.92 -14.27 14.94
N SER A 76 -0.76 -13.13 14.30
CA SER A 76 -1.75 -12.07 14.38
C SER A 76 -2.87 -12.47 13.44
N ARG A 77 -4.10 -12.16 13.83
CA ARG A 77 -5.25 -12.44 12.97
C ARG A 77 -5.19 -11.46 11.79
N LEU A 78 -5.49 -11.94 10.58
CA LEU A 78 -5.32 -11.17 9.34
C LEU A 78 -6.60 -11.15 8.57
N GLY A 79 -6.81 -10.07 7.82
CA GLY A 79 -7.80 -10.00 6.79
C GLY A 79 -7.08 -9.50 5.55
N SER A 80 -7.39 -10.06 4.40
CA SER A 80 -6.79 -9.60 3.14
C SER A 80 -7.80 -9.43 2.01
N ARG A 81 -7.53 -8.48 1.12
CA ARG A 81 -8.34 -8.29 -0.06
C ARG A 81 -7.41 -8.13 -1.25
N GLN A 82 -7.93 -8.41 -2.42
CA GLN A 82 -7.27 -8.07 -3.68
C GLN A 82 -8.07 -7.00 -4.38
N VAL A 83 -7.38 -6.13 -5.09
CA VAL A 83 -8.05 -5.15 -5.90
C VAL A 83 -7.11 -4.84 -7.07
N ASP A 84 -7.65 -4.30 -8.16
CA ASP A 84 -6.82 -3.89 -9.28
C ASP A 84 -7.33 -2.62 -9.89
N ILE A 85 -6.45 -1.90 -10.56
CA ILE A 85 -6.78 -0.68 -11.28
C ILE A 85 -6.70 -1.05 -12.77
N PHE A 86 -7.88 -1.07 -13.39
CA PHE A 86 -8.05 -1.27 -14.85
C PHE A 86 -7.45 -2.57 -15.35
N LYS A 87 -7.46 -3.61 -14.52
CA LYS A 87 -6.83 -4.88 -14.82
CA LYS A 87 -6.84 -4.89 -14.84
C LYS A 87 -5.40 -4.72 -15.36
N LYS A 88 -4.69 -3.73 -14.84
CA LYS A 88 -3.31 -3.47 -15.21
C LYS A 88 -2.40 -3.46 -14.00
N SER A 89 -2.88 -2.79 -12.94
CA SER A 89 -2.12 -2.61 -11.71
C SER A 89 -2.86 -3.37 -10.61
N TYR A 90 -2.21 -4.37 -10.02
CA TYR A 90 -2.81 -5.26 -9.08
C TYR A 90 -2.25 -5.07 -7.68
N PHE A 91 -3.12 -5.30 -6.69
CA PHE A 91 -2.83 -5.02 -5.29
C PHE A 91 -3.34 -6.15 -4.40
N GLY A 92 -2.57 -6.43 -3.36
CA GLY A 92 -3.00 -7.25 -2.23
C GLY A 92 -2.86 -6.42 -0.98
N ILE A 93 -3.86 -6.42 -0.14
CA ILE A 93 -3.85 -5.60 1.04
C ILE A 93 -4.11 -6.51 2.23
N ILE A 94 -3.26 -6.44 3.24
N ILE A 94 -3.27 -6.44 3.25
CA ILE A 94 -3.40 -7.25 4.44
CA ILE A 94 -3.43 -7.22 4.45
C ILE A 94 -3.47 -6.32 5.64
C ILE A 94 -3.47 -6.31 5.65
N GLY A 95 -4.50 -6.49 6.47
CA GLY A 95 -4.62 -5.82 7.76
C GLY A 95 -4.44 -6.87 8.85
N SER A 96 -3.61 -6.57 9.84
CA SER A 96 -3.36 -7.51 10.92
C SER A 96 -3.72 -6.90 12.26
N GLU A 97 -4.10 -7.78 13.18
CA GLU A 97 -4.39 -7.36 14.54
C GLU A 97 -3.72 -8.29 15.53
N ASP A 98 -3.04 -7.65 16.50
CA ASP A 98 -2.15 -8.33 17.45
C ASP A 98 -2.89 -8.59 18.77
N GLY A 99 -4.02 -7.90 18.97
CA GLY A 99 -4.79 -8.02 20.22
C GLY A 99 -5.85 -9.12 20.23
N ALA A 100 -6.69 -9.20 21.27
CA ALA A 100 -7.30 -8.04 21.95
C ALA A 100 -7.95 -7.20 20.85
N ASP A 101 -7.20 -6.21 20.35
CA ASP A 101 -7.57 -5.40 19.19
C ASP A 101 -8.46 -6.17 18.20
N ASP A 102 -9.52 -5.47 17.79
CA ASP A 102 -10.57 -6.00 16.95
C ASP A 102 -10.59 -5.30 15.57
N ASP A 103 -9.61 -4.42 15.31
CA ASP A 103 -9.66 -3.42 14.23
C ASP A 103 -8.83 -3.67 12.95
N TYR A 104 -8.01 -4.72 12.93
CA TYR A 104 -7.22 -5.10 11.74
C TYR A 104 -6.33 -3.97 11.19
N ASN A 105 -5.81 -3.14 12.08
CA ASN A 105 -4.92 -2.07 11.65
C ASN A 105 -3.72 -1.88 12.55
N ASP A 106 -3.31 -2.93 13.28
CA ASP A 106 -2.03 -2.92 13.97
C ASP A 106 -0.86 -2.99 13.01
N GLY A 107 -1.06 -3.63 11.87
CA GLY A 107 -0.04 -3.77 10.85
C GLY A 107 -0.74 -3.82 9.52
N ILE A 108 -0.08 -3.33 8.47
CA ILE A 108 -0.61 -3.37 7.11
C ILE A 108 0.51 -3.86 6.23
N VAL A 109 0.18 -4.71 5.26
CA VAL A 109 1.13 -5.12 4.24
C VAL A 109 0.44 -4.91 2.90
N PHE A 110 1.14 -4.20 2.01
CA PHE A 110 0.71 -3.91 0.67
C PHE A 110 1.54 -4.75 -0.32
N LEU A 111 0.87 -5.50 -1.18
CA LEU A 111 1.53 -6.13 -2.32
C LEU A 111 1.12 -5.40 -3.60
N ASN A 112 2.07 -5.24 -4.50
CA ASN A 112 1.82 -4.65 -5.82
C ASN A 112 2.51 -5.40 -6.94
N TRP A 113 1.74 -5.62 -8.02
CA TRP A 113 2.28 -6.28 -9.22
C TRP A 113 1.47 -5.84 -10.43
N PRO A 114 2.09 -5.93 -11.63
CA PRO A 114 3.51 -6.19 -11.90
C PRO A 114 4.28 -4.92 -11.65
N LEU A 115 5.60 -4.99 -11.75
CA LEU A 115 6.45 -3.80 -11.66
C LEU A 115 6.83 -3.37 -13.07
N GLY A 116 6.58 -2.12 -13.41
CA GLY A 116 6.85 -1.65 -14.79
C GLY A 116 5.85 -2.19 -15.81
N MET B 1 -15.73 1.74 -11.85
CA MET B 1 -15.55 1.96 -10.37
C MET B 1 -14.19 2.59 -10.04
N GLU B 2 -13.25 2.60 -10.99
CA GLU B 2 -12.07 3.44 -10.81
C GLU B 2 -12.46 4.92 -10.87
N ARG B 3 -11.97 5.69 -9.91
CA ARG B 3 -12.12 7.11 -9.89
C ARG B 3 -10.73 7.68 -10.23
N ASP B 4 -10.53 8.95 -9.86
N ASP B 4 -10.51 8.98 -10.00
CA ASP B 4 -9.38 9.76 -10.26
CA ASP B 4 -9.19 9.58 -10.28
C ASP B 4 -8.54 10.31 -9.08
C ASP B 4 -8.56 10.29 -9.10
N GLY B 5 -8.33 9.53 -8.04
CA GLY B 5 -7.46 9.97 -6.93
C GLY B 5 -8.08 10.91 -5.93
N THR B 6 -9.41 11.03 -5.96
CA THR B 6 -10.13 11.83 -4.96
C THR B 6 -10.91 10.90 -4.02
N PHE B 7 -10.88 11.22 -2.73
CA PHE B 7 -11.45 10.37 -1.69
C PHE B 7 -12.20 11.24 -0.70
N ASN B 8 -13.23 10.64 -0.13
CA ASN B 8 -13.96 11.20 0.99
C ASN B 8 -13.63 10.35 2.19
N LEU B 9 -12.90 10.92 3.13
CA LEU B 9 -12.54 10.27 4.39
C LEU B 9 -13.41 10.82 5.53
N PRO B 10 -13.40 10.13 6.67
CA PRO B 10 -14.08 10.70 7.84
C PRO B 10 -13.42 12.03 8.20
N PRO B 11 -14.24 13.08 8.40
CA PRO B 11 -13.68 14.36 8.74
C PRO B 11 -12.87 14.33 10.03
N HIS B 12 -11.84 15.17 10.08
CA HIS B 12 -11.00 15.39 11.24
C HIS B 12 -10.40 14.12 11.87
N ILE B 13 -9.84 13.24 11.03
CA ILE B 13 -9.06 12.12 11.55
C ILE B 13 -7.67 12.13 10.96
N LYS B 14 -6.76 11.43 11.62
CA LYS B 14 -5.42 11.23 11.07
C LYS B 14 -5.52 10.05 10.12
N PHE B 15 -4.76 10.12 9.04
CA PHE B 15 -4.63 9.00 8.11
C PHE B 15 -3.21 8.95 7.55
N GLY B 16 -2.80 7.79 7.05
CA GLY B 16 -1.46 7.66 6.45
C GLY B 16 -1.51 7.73 4.94
N VAL B 17 -0.43 8.23 4.35
CA VAL B 17 -0.22 8.24 2.91
C VAL B 17 1.17 7.72 2.64
N THR B 18 1.25 6.70 1.80
CA THR B 18 2.52 6.04 1.44
C THR B 18 2.68 6.13 -0.06
N ALA B 19 3.89 6.44 -0.53
CA ALA B 19 4.14 6.62 -1.96
C ALA B 19 5.34 5.77 -2.40
N LEU B 20 5.14 5.03 -3.49
CA LEU B 20 6.19 4.30 -4.17
C LEU B 20 6.33 4.76 -5.62
N THR B 21 7.55 4.72 -6.14
CA THR B 21 7.83 5.07 -7.54
C THR B 21 8.56 3.94 -8.25
N HIS B 22 8.37 3.92 -9.56
CA HIS B 22 9.01 2.93 -10.46
C HIS B 22 8.96 3.51 -11.88
N ALA B 23 9.58 4.67 -12.03
CA ALA B 23 9.44 5.48 -13.25
C ALA B 23 10.79 5.95 -13.75
N ALA B 24 10.87 6.12 -15.08
CA ALA B 24 12.06 6.71 -15.73
C ALA B 24 12.31 8.17 -15.37
N ASN B 25 11.25 8.90 -15.05
CA ASN B 25 11.36 10.32 -14.82
C ASN B 25 11.07 10.70 -13.38
N ASP B 26 11.58 11.86 -12.99
CA ASP B 26 11.27 12.46 -11.70
C ASP B 26 9.76 12.59 -11.61
N GLN B 27 9.22 12.34 -10.42
CA GLN B 27 7.79 12.44 -10.18
C GLN B 27 7.54 13.21 -8.92
N THR B 28 6.50 14.03 -8.93
CA THR B 28 6.07 14.75 -7.73
C THR B 28 4.63 14.28 -7.42
N ILE B 29 4.43 13.85 -6.19
CA ILE B 29 3.13 13.39 -5.73
C ILE B 29 2.66 14.36 -4.67
N ASP B 30 1.53 15.03 -4.97
CA ASP B 30 0.96 16.03 -4.08
C ASP B 30 -0.35 15.53 -3.49
N ILE B 31 -0.51 15.71 -2.16
CA ILE B 31 -1.76 15.38 -1.47
C ILE B 31 -2.42 16.66 -1.01
N TYR B 32 -3.68 16.86 -1.43
CA TYR B 32 -4.42 18.07 -1.12
C TYR B 32 -5.62 17.77 -0.24
N ILE B 33 -5.80 18.63 0.77
CA ILE B 33 -6.93 18.48 1.69
C ILE B 33 -7.94 19.60 1.42
N ASP B 34 -9.19 19.21 1.18
CA ASP B 34 -10.29 20.12 0.98
C ASP B 34 -9.91 21.10 -0.12
N ASP B 35 -10.10 22.40 0.12
CA ASP B 35 -9.73 23.45 -0.87
C ASP B 35 -8.46 24.19 -0.47
N ASP B 36 -7.59 23.55 0.32
CA ASP B 36 -6.34 24.18 0.72
C ASP B 36 -5.48 24.50 -0.50
N PRO B 37 -4.85 25.68 -0.52
CA PRO B 37 -4.10 26.11 -1.68
C PRO B 37 -2.78 25.36 -1.88
N LYS B 38 -2.21 24.89 -0.79
CA LYS B 38 -0.93 24.23 -0.85
C LYS B 38 -1.11 22.77 -0.47
N PRO B 39 -0.26 21.90 -1.02
CA PRO B 39 -0.39 20.48 -0.66
C PRO B 39 -0.08 20.25 0.82
N ALA B 40 -0.81 19.34 1.44
CA ALA B 40 -0.55 18.96 2.83
C ALA B 40 0.69 18.07 2.93
N ALA B 41 1.05 17.44 1.82
CA ALA B 41 2.20 16.59 1.77
C ALA B 41 2.63 16.47 0.33
N THR B 42 3.94 16.37 0.14
CA THR B 42 4.53 16.23 -1.18
C THR B 42 5.67 15.19 -1.07
N PHE B 43 5.65 14.21 -1.98
CA PHE B 43 6.69 13.22 -2.13
C PHE B 43 7.34 13.51 -3.49
N LYS B 44 8.65 13.48 -3.55
CA LYS B 44 9.37 13.69 -4.78
C LYS B 44 10.33 12.53 -5.03
N GLY B 45 10.19 11.87 -6.16
CA GLY B 45 11.04 10.73 -6.50
C GLY B 45 11.96 11.07 -7.65
N ALA B 46 13.10 10.40 -7.69
CA ALA B 46 14.10 10.60 -8.72
C ALA B 46 13.84 9.65 -9.86
N GLY B 47 13.90 10.15 -11.08
CA GLY B 47 13.84 9.29 -12.25
C GLY B 47 14.86 8.16 -12.22
N ALA B 48 14.39 6.97 -12.58
CA ALA B 48 15.27 5.82 -12.72
C ALA B 48 15.74 5.26 -11.39
N GLN B 49 15.16 5.74 -10.28
CA GLN B 49 15.43 5.19 -8.98
C GLN B 49 14.06 4.72 -8.53
N ASP B 50 13.92 3.44 -8.33
CA ASP B 50 12.68 2.88 -7.84
C ASP B 50 12.77 3.04 -6.32
N GLN B 51 11.86 3.81 -5.77
CA GLN B 51 11.99 4.27 -4.40
C GLN B 51 10.71 4.07 -3.61
N ASN B 52 10.87 3.74 -2.34
CA ASN B 52 9.79 3.86 -1.36
C ASN B 52 10.01 5.21 -0.71
N LEU B 53 9.09 6.13 -0.94
CA LEU B 53 9.26 7.53 -0.52
C LEU B 53 8.74 7.78 0.89
N GLY B 54 8.34 6.70 1.58
CA GLY B 54 7.94 6.83 2.97
C GLY B 54 6.47 7.01 3.13
N THR B 55 6.08 7.20 4.39
CA THR B 55 4.69 7.31 4.82
C THR B 55 4.59 8.59 5.66
N LYS B 56 3.62 9.42 5.34
CA LYS B 56 3.32 10.65 6.07
C LYS B 56 1.93 10.50 6.70
N VAL B 57 1.76 11.07 7.88
CA VAL B 57 0.50 11.08 8.56
C VAL B 57 -0.12 12.46 8.41
N LEU B 58 -1.36 12.50 7.95
CA LEU B 58 -2.04 13.77 7.69
C LEU B 58 -3.37 13.85 8.43
N ASP B 59 -3.93 15.05 8.47
CA ASP B 59 -5.27 15.24 9.00
C ASP B 59 -6.25 15.38 7.85
N SER B 60 -7.35 14.66 7.90
CA SER B 60 -8.34 14.70 6.82
C SER B 60 -9.16 16.00 6.68
N GLY B 61 -9.07 16.91 7.63
CA GLY B 61 -9.81 18.17 7.56
C GLY B 61 -11.30 17.90 7.49
N ASN B 62 -12.00 18.54 6.56
CA ASN B 62 -13.41 18.25 6.29
C ASN B 62 -13.70 16.98 5.49
N GLY B 63 -12.65 16.25 5.11
CA GLY B 63 -12.79 14.89 4.57
C GLY B 63 -12.34 14.66 3.13
N ARG B 64 -12.17 15.73 2.37
CA ARG B 64 -11.84 15.58 0.93
C ARG B 64 -10.34 15.50 0.78
N VAL B 65 -9.88 14.40 0.20
CA VAL B 65 -8.46 14.19 -0.04
C VAL B 65 -8.28 13.92 -1.55
N ARG B 66 -7.33 14.63 -2.16
CA ARG B 66 -7.00 14.44 -3.58
C ARG B 66 -5.51 14.22 -3.77
N VAL B 67 -5.21 13.21 -4.58
CA VAL B 67 -3.84 12.86 -4.92
C VAL B 67 -3.62 13.30 -6.36
N ILE B 68 -2.54 14.04 -6.59
CA ILE B 68 -2.14 14.45 -7.94
C ILE B 68 -0.68 14.03 -8.15
N VAL B 69 -0.41 13.43 -9.30
CA VAL B 69 0.93 13.00 -9.66
C VAL B 69 1.34 13.72 -10.92
N MET B 70 2.52 14.37 -10.87
CA MET B 70 3.09 15.09 -11.99
C MET B 70 4.41 14.42 -12.37
N ALA B 71 4.63 14.31 -13.69
CA ALA B 71 5.87 13.73 -14.24
C ALA B 71 6.06 14.30 -15.64
N ASN B 72 7.29 14.62 -15.99
CA ASN B 72 7.62 15.09 -17.36
C ASN B 72 6.82 16.30 -17.77
N GLY B 73 6.65 17.21 -16.84
CA GLY B 73 5.88 18.41 -17.06
C GLY B 73 4.36 18.29 -17.17
N ARG B 74 3.80 17.11 -16.90
CA ARG B 74 2.36 16.91 -17.02
C ARG B 74 1.76 16.01 -15.95
N PRO B 75 0.44 16.14 -15.72
CA PRO B 75 -0.23 15.25 -14.78
C PRO B 75 -0.33 13.85 -15.33
N SER B 76 -0.01 12.88 -14.49
CA SER B 76 -0.11 11.49 -14.87
C SER B 76 -1.57 11.04 -14.96
N ARG B 77 -1.83 10.04 -15.78
CA ARG B 77 -3.13 9.37 -15.77
C ARG B 77 -3.21 8.61 -14.46
N LEU B 78 -4.39 8.67 -13.85
CA LEU B 78 -4.64 8.03 -12.56
C LEU B 78 -5.81 7.11 -12.59
N GLY B 79 -5.73 6.06 -11.77
CA GLY B 79 -6.85 5.24 -11.43
C GLY B 79 -6.81 5.00 -9.94
N SER B 80 -7.97 4.93 -9.32
CA SER B 80 -8.03 4.73 -7.89
C SER B 80 -9.17 3.81 -7.48
N ARG B 81 -8.97 3.14 -6.35
CA ARG B 81 -9.95 2.23 -5.76
C ARG B 81 -9.91 2.41 -4.24
N GLN B 82 -11.02 2.05 -3.61
CA GLN B 82 -11.14 1.96 -2.18
C GLN B 82 -11.46 0.54 -1.81
N VAL B 83 -10.95 0.11 -0.68
CA VAL B 83 -11.18 -1.21 -0.19
C VAL B 83 -11.06 -1.15 1.32
N ASP B 84 -11.76 -2.07 1.99
CA ASP B 84 -11.65 -2.17 3.43
C ASP B 84 -11.54 -3.61 3.89
N ILE B 85 -11.01 -3.78 5.09
CA ILE B 85 -10.86 -5.08 5.72
C ILE B 85 -11.84 -5.08 6.90
N PHE B 86 -12.82 -5.99 6.78
CA PHE B 86 -13.91 -6.18 7.74
C PHE B 86 -14.62 -4.92 8.18
N LYS B 87 -14.72 -3.96 7.25
CA LYS B 87 -15.32 -2.65 7.52
CA LYS B 87 -15.32 -2.66 7.52
C LYS B 87 -14.69 -1.97 8.74
N LYS B 88 -13.40 -2.25 8.98
CA LYS B 88 -12.67 -1.66 10.09
C LYS B 88 -11.42 -0.91 9.65
N SER B 89 -10.67 -1.52 8.73
CA SER B 89 -9.41 -0.97 8.28
C SER B 89 -9.66 -0.55 6.82
N TYR B 90 -9.53 0.74 6.54
CA TYR B 90 -9.87 1.32 5.26
C TYR B 90 -8.61 1.70 4.47
N PHE B 91 -8.73 1.62 3.16
CA PHE B 91 -7.62 1.90 2.21
C PHE B 91 -8.13 2.61 0.99
N GLY B 92 -7.30 3.52 0.49
CA GLY B 92 -7.43 4.11 -0.81
C GLY B 92 -6.16 3.73 -1.56
N ILE B 93 -6.31 3.37 -2.83
CA ILE B 93 -5.21 2.97 -3.70
C ILE B 93 -5.24 3.80 -4.94
N ILE B 94 -4.10 4.39 -5.28
CA ILE B 94 -3.93 5.15 -6.50
C ILE B 94 -2.76 4.60 -7.30
N GLY B 95 -2.97 4.33 -8.59
CA GLY B 95 -1.89 3.97 -9.50
C GLY B 95 -1.82 5.08 -10.54
N SER B 96 -0.61 5.50 -10.88
CA SER B 96 -0.42 6.53 -11.86
C SER B 96 0.52 6.10 -12.98
N GLU B 97 0.34 6.70 -14.15
CA GLU B 97 1.27 6.47 -15.27
C GLU B 97 1.47 7.71 -16.12
N ASP B 98 2.71 7.95 -16.53
CA ASP B 98 2.98 9.03 -17.46
C ASP B 98 2.52 8.64 -18.86
N GLY B 99 2.79 7.40 -19.24
CA GLY B 99 2.52 6.87 -20.58
C GLY B 99 1.12 6.29 -20.62
N ALA B 100 0.37 6.62 -21.67
CA ALA B 100 -1.06 6.31 -21.71
C ALA B 100 -1.36 4.83 -21.91
N ASP B 101 -0.37 4.08 -22.39
CA ASP B 101 -0.51 2.65 -22.66
C ASP B 101 0.20 1.74 -21.66
N ASP B 102 0.57 2.27 -20.50
CA ASP B 102 1.34 1.53 -19.51
C ASP B 102 0.39 0.87 -18.46
N ASP B 103 0.93 0.51 -17.30
CA ASP B 103 0.22 -0.36 -16.36
C ASP B 103 -0.15 0.34 -15.04
N TYR B 104 -0.30 1.66 -15.05
CA TYR B 104 -0.73 2.41 -13.87
C TYR B 104 0.15 2.06 -12.66
N ASN B 105 1.46 1.96 -12.88
CA ASN B 105 2.40 1.59 -11.81
C ASN B 105 3.71 2.41 -11.81
N ASP B 106 3.73 3.55 -12.50
CA ASP B 106 4.84 4.51 -12.38
C ASP B 106 4.89 5.11 -10.99
N GLY B 107 3.71 5.38 -10.47
CA GLY B 107 3.56 5.87 -9.12
C GLY B 107 2.49 5.01 -8.46
N ILE B 108 2.68 4.71 -7.19
CA ILE B 108 1.65 4.02 -6.39
C ILE B 108 1.51 4.78 -5.10
N VAL B 109 0.27 5.08 -4.72
CA VAL B 109 0.00 5.77 -3.47
C VAL B 109 -1.08 4.99 -2.70
N PHE B 110 -0.82 4.74 -1.41
CA PHE B 110 -1.77 4.06 -0.54
C PHE B 110 -2.19 5.01 0.55
N LEU B 111 -3.48 5.06 0.82
CA LEU B 111 -4.05 5.79 1.93
C LEU B 111 -4.57 4.74 2.91
N ASN B 112 -4.36 4.98 4.20
CA ASN B 112 -4.88 4.10 5.25
C ASN B 112 -5.48 4.89 6.39
N TRP B 113 -6.64 4.44 6.85
CA TRP B 113 -7.33 5.03 7.98
C TRP B 113 -8.32 3.99 8.59
N PRO B 114 -8.68 4.16 9.86
CA PRO B 114 -8.09 5.07 10.82
C PRO B 114 -6.76 4.54 11.30
N LEU B 115 -6.05 5.34 12.09
CA LEU B 115 -4.84 4.91 12.72
C LEU B 115 -5.22 4.39 14.13
N GLY B 116 -5.01 3.10 14.37
CA GLY B 116 -5.35 2.48 15.67
C GLY B 116 -6.84 2.43 16.05
#